data_7XXE
#
_entry.id   7XXE
#
_cell.length_a   99.649
_cell.length_b   99.649
_cell.length_c   130.550
_cell.angle_alpha   90.000
_cell.angle_beta   90.000
_cell.angle_gamma   120.000
#
_symmetry.space_group_name_H-M   'P 63'
#
_entity_poly.entity_id   1
_entity_poly.type   'polypeptide(L)'
_entity_poly.pdbx_seq_one_letter_code
;KTRIIEFCEFSEEERRRYDDFASKQSVNSLLDENVMKTNLDTNANLAKKKSTAGFVLVQLRKLADHPMLFRIHYKDDILR
QMAKAIMNEPQYKKANELYIFEDMQYMSDIELHNLCCKFPSINSFQLKDEPWMDATKVRKLKKLLTNAVENGDRVVLFSQ
FTQVLDILQLVMKSLNLKFLRFDGSTQVDFRQDLIDQFYADESINVFLLSTKAGGFGINLACANMVILYDVSFNPFDDLQ
AEDRAHRVGQKKEVTVYKFVVKDTIEEHIQRLANAKIA
;
_entity_poly.pdbx_strand_id   B,A
#
# COMPACT_ATOMS: atom_id res chain seq x y z
N LYS A 1 -25.58 -4.96 -4.46
CA LYS A 1 -24.53 -4.38 -5.37
C LYS A 1 -24.17 -2.91 -5.00
N THR A 2 -23.30 -2.75 -3.98
CA THR A 2 -22.75 -1.43 -3.59
C THR A 2 -21.31 -1.29 -4.14
N ARG A 3 -21.08 -0.28 -4.98
CA ARG A 3 -19.76 -0.07 -5.60
C ARG A 3 -18.76 0.48 -4.59
N ILE A 4 -17.77 -0.33 -4.24
CA ILE A 4 -16.58 0.13 -3.47
C ILE A 4 -15.31 -0.25 -4.25
N ILE A 5 -14.54 0.76 -4.62
CA ILE A 5 -13.45 0.62 -5.60
C ILE A 5 -12.12 0.91 -4.92
N GLU A 6 -11.74 0.00 -4.03
CA GLU A 6 -10.62 0.21 -3.14
C GLU A 6 -9.32 0.05 -3.90
N PHE A 7 -8.59 1.16 -3.95
CA PHE A 7 -7.30 1.24 -4.59
C PHE A 7 -6.26 0.44 -3.79
N CYS A 8 -5.09 0.20 -4.40
CA CYS A 8 -4.03 -0.57 -3.74
C CYS A 8 -2.64 0.04 -4.01
N GLU A 9 -2.02 0.53 -2.93
CA GLU A 9 -0.76 1.27 -3.00
C GLU A 9 0.40 0.33 -3.38
N PHE A 10 1.46 0.93 -3.93
CA PHE A 10 2.69 0.21 -4.39
C PHE A 10 3.48 -0.64 -3.37
N SER A 11 4.50 -1.31 -3.89
CA SER A 11 5.65 -1.80 -3.09
C SER A 11 6.96 -1.35 -3.75
N GLU A 12 8.06 -1.62 -3.06
CA GLU A 12 9.42 -1.43 -3.60
C GLU A 12 9.75 -2.37 -4.77
N GLU A 13 9.27 -3.61 -4.66
CA GLU A 13 9.53 -4.69 -5.63
C GLU A 13 8.67 -4.48 -6.90
N GLU A 14 7.44 -4.01 -6.68
CA GLU A 14 6.48 -3.77 -7.75
C GLU A 14 6.85 -2.52 -8.60
N ARG A 15 7.22 -1.41 -7.94
CA ARG A 15 7.70 -0.20 -8.63
C ARG A 15 9.03 -0.42 -9.35
N ARG A 16 9.92 -1.20 -8.72
CA ARG A 16 11.23 -1.59 -9.30
C ARG A 16 11.08 -1.91 -10.80
N ARG A 17 10.18 -2.84 -11.09
CA ARG A 17 9.89 -3.24 -12.46
C ARG A 17 9.11 -2.15 -13.24
N TYR A 18 7.99 -1.66 -12.68
CA TYR A 18 7.05 -0.74 -13.36
C TYR A 18 7.66 0.64 -13.72
N ASP A 19 8.43 1.20 -12.80
CA ASP A 19 9.12 2.50 -13.00
C ASP A 19 10.27 2.34 -14.00
N ASP A 20 11.04 1.25 -13.84
CA ASP A 20 12.11 0.90 -14.79
C ASP A 20 11.58 0.42 -16.14
N PHE A 21 10.27 0.18 -16.23
CA PHE A 21 9.57 -0.04 -17.49
C PHE A 21 9.01 1.27 -18.11
N ALA A 22 9.78 2.34 -17.97
CA ALA A 22 9.61 3.56 -18.72
C ALA A 22 10.76 3.74 -19.74
N SER A 23 11.69 2.79 -19.77
CA SER A 23 12.93 2.90 -20.55
C SER A 23 12.90 2.00 -21.78
N LYS A 24 12.76 0.70 -21.54
CA LYS A 24 12.72 -0.30 -22.62
C LYS A 24 11.45 -0.11 -23.46
N GLN A 25 10.32 0.10 -22.78
CA GLN A 25 9.04 0.43 -23.43
C GLN A 25 9.14 1.73 -24.24
N SER A 26 9.84 2.73 -23.70
CA SER A 26 10.11 3.97 -24.43
C SER A 26 11.15 3.74 -25.54
N VAL A 27 10.71 3.09 -26.60
CA VAL A 27 11.54 2.84 -27.78
C VAL A 27 11.78 4.18 -28.47
N ASN A 28 13.05 4.51 -28.75
CA ASN A 28 13.41 5.77 -29.40
C ASN A 28 13.19 5.66 -30.94
N SER A 29 11.92 5.52 -31.31
CA SER A 29 11.43 5.45 -32.69
C SER A 29 10.26 6.43 -32.99
N LEU A 30 9.56 6.94 -31.96
CA LEU A 30 8.36 7.80 -32.12
C LEU A 30 8.35 8.99 -31.13
N LEU A 31 8.32 10.22 -31.67
CA LEU A 31 8.42 11.48 -30.89
C LEU A 31 9.68 11.54 -30.00
N VAL A 35 14.18 10.52 -34.27
CA VAL A 35 14.83 9.34 -34.83
C VAL A 35 13.91 8.65 -35.86
N MET A 36 14.43 8.42 -37.06
CA MET A 36 13.76 7.63 -38.09
C MET A 36 14.78 6.63 -38.66
N LYS A 37 14.63 5.36 -38.31
CA LYS A 37 15.45 4.28 -38.87
C LYS A 37 15.30 4.21 -40.41
N THR A 38 16.35 3.78 -41.09
CA THR A 38 16.42 3.79 -42.56
C THR A 38 15.81 2.53 -43.23
N ASN A 39 14.80 2.74 -44.10
CA ASN A 39 14.03 1.65 -44.75
C ASN A 39 14.27 1.64 -46.28
N LEU A 40 13.33 1.12 -47.09
CA LEU A 40 13.44 1.18 -48.57
C LEU A 40 13.19 2.57 -49.15
N ASP A 41 11.98 3.12 -48.93
CA ASP A 41 11.56 4.45 -49.43
C ASP A 41 11.20 5.40 -48.27
N THR A 42 10.68 6.60 -48.56
CA THR A 42 10.26 7.57 -47.50
C THR A 42 9.06 7.03 -46.68
N ASN A 43 9.37 6.16 -45.72
CA ASN A 43 8.37 5.50 -44.83
C ASN A 43 7.87 6.44 -43.73
N ALA A 44 7.14 7.47 -44.16
CA ALA A 44 6.81 8.62 -43.30
C ALA A 44 5.85 8.24 -42.17
N ASN A 45 4.77 7.56 -42.54
CA ASN A 45 3.75 7.13 -41.57
C ASN A 45 3.73 5.62 -41.29
N LEU A 46 4.47 4.81 -42.04
CA LEU A 46 4.52 3.37 -41.79
C LEU A 46 5.07 3.04 -40.39
N ALA A 47 6.16 3.72 -40.03
CA ALA A 47 6.79 3.61 -38.70
C ALA A 47 5.94 4.28 -37.60
N LYS A 48 5.18 5.32 -37.99
CA LYS A 48 4.20 5.93 -37.09
C LYS A 48 3.02 5.00 -36.82
N LYS A 49 2.71 4.12 -37.76
CA LYS A 49 1.66 3.17 -37.53
C LYS A 49 2.23 1.76 -37.30
N LYS A 50 3.57 1.62 -37.33
CA LYS A 50 4.24 0.48 -36.68
C LYS A 50 4.11 0.64 -35.15
N SER A 51 3.85 1.88 -34.70
CA SER A 51 3.35 2.16 -33.33
C SER A 51 1.93 1.57 -33.14
N THR A 52 1.31 1.85 -32.00
CA THR A 52 0.16 1.07 -31.51
C THR A 52 0.60 -0.39 -31.51
N ALA A 53 1.69 -0.58 -30.77
CA ALA A 53 2.12 -1.88 -30.28
C ALA A 53 1.45 -2.08 -28.90
N GLY A 54 0.19 -2.52 -28.93
CA GLY A 54 -0.59 -2.76 -27.72
C GLY A 54 -0.04 -3.83 -26.77
N PHE A 55 1.01 -4.56 -27.21
CA PHE A 55 1.76 -5.45 -26.31
C PHE A 55 2.29 -4.64 -25.12
N VAL A 56 2.74 -3.43 -25.43
CA VAL A 56 3.09 -2.43 -24.41
C VAL A 56 1.98 -2.27 -23.38
N LEU A 57 0.78 -1.92 -23.88
CA LEU A 57 -0.43 -1.76 -23.05
C LEU A 57 -0.71 -3.04 -22.26
N VAL A 58 -0.84 -4.17 -22.97
CA VAL A 58 -1.20 -5.46 -22.33
C VAL A 58 -0.12 -5.88 -21.29
N GLN A 59 1.16 -5.65 -21.63
CA GLN A 59 2.27 -5.89 -20.70
C GLN A 59 2.09 -5.10 -19.40
N LEU A 60 1.77 -3.80 -19.53
CA LEU A 60 1.46 -2.95 -18.38
C LEU A 60 0.28 -3.52 -17.58
N ARG A 61 -0.82 -3.79 -18.28
CA ARG A 61 -2.03 -4.28 -17.61
C ARG A 61 -1.87 -5.71 -17.11
N LYS A 62 -0.71 -6.32 -17.35
CA LYS A 62 -0.23 -7.56 -16.64
C LYS A 62 0.80 -7.33 -15.48
N LEU A 63 1.61 -6.27 -15.66
CA LEU A 63 2.42 -5.71 -14.57
C LEU A 63 1.52 -5.18 -13.45
N ALA A 64 0.50 -4.40 -13.85
CA ALA A 64 -0.59 -3.97 -12.94
C ALA A 64 -1.06 -5.12 -12.03
N ASP A 65 -1.20 -6.28 -12.66
CA ASP A 65 -1.65 -7.53 -12.07
C ASP A 65 -0.46 -8.22 -11.41
N HIS A 66 -0.57 -9.52 -11.15
CA HIS A 66 0.43 -10.23 -10.36
C HIS A 66 1.82 -10.38 -11.04
N PRO A 67 2.87 -9.78 -10.46
CA PRO A 67 4.09 -9.57 -11.24
C PRO A 67 5.02 -10.80 -11.34
N MET A 68 4.63 -11.93 -10.76
CA MET A 68 5.41 -13.16 -10.91
C MET A 68 5.04 -13.94 -12.16
N LEU A 69 4.03 -13.49 -12.93
CA LEU A 69 3.83 -14.06 -14.26
C LEU A 69 4.74 -13.41 -15.29
N PHE A 70 5.57 -12.45 -14.89
CA PHE A 70 6.69 -12.04 -15.72
C PHE A 70 7.89 -12.92 -15.37
N ARG A 71 8.95 -12.81 -16.17
CA ARG A 71 10.20 -13.60 -15.95
C ARG A 71 11.02 -12.93 -14.84
N ILE A 72 10.76 -13.34 -13.58
CA ILE A 72 11.47 -12.80 -12.41
C ILE A 72 12.11 -13.86 -11.46
N HIS A 73 12.15 -15.14 -11.88
CA HIS A 73 12.79 -16.19 -11.08
C HIS A 73 13.92 -16.87 -11.83
N TYR A 74 13.60 -17.58 -12.90
CA TYR A 74 14.62 -18.23 -13.73
C TYR A 74 15.07 -17.23 -14.79
N LYS A 75 16.29 -16.70 -14.65
CA LYS A 75 16.76 -15.64 -15.59
C LYS A 75 16.87 -16.17 -17.05
N ASP A 76 17.89 -16.98 -17.33
CA ASP A 76 17.95 -17.83 -18.53
C ASP A 76 18.48 -19.26 -18.17
N ASP A 77 19.49 -19.34 -17.29
CA ASP A 77 20.36 -20.52 -17.17
C ASP A 77 19.87 -21.62 -16.22
N ILE A 78 18.83 -21.34 -15.44
CA ILE A 78 18.22 -22.32 -14.52
C ILE A 78 17.31 -23.28 -15.32
N LEU A 79 16.86 -22.81 -16.49
CA LEU A 79 16.09 -23.62 -17.46
C LEU A 79 16.97 -24.69 -18.13
N ARG A 80 18.28 -24.40 -18.20
CA ARG A 80 19.27 -25.37 -18.67
C ARG A 80 19.39 -26.56 -17.68
N GLN A 81 19.53 -26.26 -16.38
CA GLN A 81 19.54 -27.29 -15.30
C GLN A 81 18.25 -28.12 -15.28
N MET A 82 17.13 -27.47 -15.62
CA MET A 82 15.87 -28.16 -15.88
C MET A 82 16.01 -29.01 -17.12
N ALA A 83 16.56 -28.44 -18.19
CA ALA A 83 16.81 -29.16 -19.45
C ALA A 83 17.86 -30.29 -19.35
N LYS A 84 18.80 -30.19 -18.41
CA LYS A 84 19.76 -31.27 -18.15
C LYS A 84 19.09 -32.35 -17.27
N ALA A 85 18.39 -31.90 -16.22
CA ALA A 85 17.66 -32.78 -15.31
C ALA A 85 16.20 -33.12 -15.72
N ILE A 86 15.88 -33.04 -17.02
CA ILE A 86 14.56 -33.51 -17.55
C ILE A 86 14.65 -34.58 -18.67
N MET A 87 15.84 -34.84 -19.20
CA MET A 87 15.98 -35.89 -20.22
C MET A 87 15.97 -37.31 -19.65
N ASN A 88 16.11 -37.45 -18.32
CA ASN A 88 15.85 -38.72 -17.63
C ASN A 88 14.32 -38.86 -17.44
N GLU A 89 13.62 -39.04 -18.56
CA GLU A 89 12.17 -39.24 -18.63
C GLU A 89 11.81 -39.83 -20.01
N PRO A 90 10.53 -40.14 -20.26
CA PRO A 90 10.15 -40.53 -21.64
C PRO A 90 10.39 -39.49 -22.75
N GLN A 91 10.59 -38.21 -22.39
CA GLN A 91 10.90 -37.15 -23.37
C GLN A 91 12.37 -37.18 -23.79
N TYR A 92 12.66 -38.04 -24.77
CA TYR A 92 14.02 -38.28 -25.27
C TYR A 92 13.99 -38.76 -26.74
N LYS A 93 14.12 -37.83 -27.69
CA LYS A 93 14.09 -38.14 -29.12
C LYS A 93 15.53 -38.14 -29.70
N LYS A 94 15.72 -37.71 -30.96
CA LYS A 94 17.04 -37.77 -31.64
C LYS A 94 17.95 -36.60 -31.21
N ALA A 95 17.40 -35.39 -31.23
CA ALA A 95 18.11 -34.15 -30.83
C ALA A 95 17.15 -33.11 -30.23
N ASN A 96 17.09 -33.04 -28.89
CA ASN A 96 16.10 -32.23 -28.15
C ASN A 96 16.61 -31.17 -27.14
N GLU A 97 17.94 -31.05 -26.95
CA GLU A 97 18.49 -30.18 -25.87
C GLU A 97 18.44 -28.65 -26.11
N LEU A 98 18.37 -28.22 -27.37
CA LEU A 98 18.22 -26.78 -27.69
C LEU A 98 16.77 -26.36 -27.89
N TYR A 99 15.96 -27.22 -28.52
CA TYR A 99 14.56 -26.90 -28.83
C TYR A 99 13.68 -26.93 -27.57
N ILE A 100 14.03 -27.79 -26.61
CA ILE A 100 13.35 -27.85 -25.30
C ILE A 100 13.66 -26.59 -24.46
N PHE A 101 14.93 -26.19 -24.41
CA PHE A 101 15.34 -24.95 -23.71
C PHE A 101 14.82 -23.65 -24.37
N GLU A 102 14.62 -23.69 -25.70
CA GLU A 102 14.05 -22.58 -26.45
C GLU A 102 12.54 -22.51 -26.25
N ASP A 103 11.84 -23.63 -26.40
CA ASP A 103 10.38 -23.67 -26.15
C ASP A 103 10.02 -23.32 -24.67
N MET A 104 10.86 -23.76 -23.72
CA MET A 104 10.74 -23.39 -22.29
C MET A 104 10.96 -21.92 -22.00
N GLN A 105 12.04 -21.35 -22.53
CA GLN A 105 12.44 -19.97 -22.20
C GLN A 105 11.45 -18.89 -22.65
N TYR A 106 10.43 -19.24 -23.46
CA TYR A 106 9.27 -18.35 -23.71
C TYR A 106 8.05 -18.57 -22.76
N MET A 107 8.01 -19.69 -22.04
CA MET A 107 6.97 -19.88 -21.00
C MET A 107 7.27 -18.95 -19.82
N SER A 108 6.24 -18.38 -19.19
CA SER A 108 6.42 -17.57 -17.96
C SER A 108 6.72 -18.43 -16.70
N ASP A 109 7.00 -17.74 -15.60
CA ASP A 109 7.29 -18.41 -14.32
C ASP A 109 6.10 -19.13 -13.68
N ILE A 110 4.89 -18.95 -14.20
CA ILE A 110 3.74 -19.71 -13.73
C ILE A 110 3.58 -21.01 -14.52
N GLU A 111 3.77 -20.94 -15.84
CA GLU A 111 3.79 -22.16 -16.66
C GLU A 111 4.97 -23.07 -16.28
N LEU A 112 6.12 -22.46 -16.00
CA LEU A 112 7.33 -23.20 -15.61
C LEU A 112 7.30 -23.77 -14.18
N HIS A 113 6.45 -23.20 -13.31
CA HIS A 113 6.17 -23.77 -12.00
C HIS A 113 5.11 -24.89 -12.08
N ASN A 114 4.16 -24.76 -13.02
CA ASN A 114 3.02 -25.69 -13.14
C ASN A 114 3.29 -27.05 -13.84
N LEU A 115 4.50 -27.25 -14.34
CA LEU A 115 4.94 -28.58 -14.79
C LEU A 115 5.93 -29.24 -13.80
N CYS A 116 6.79 -28.45 -13.14
CA CYS A 116 7.82 -28.98 -12.26
C CYS A 116 7.26 -29.60 -10.97
N CYS A 117 6.14 -29.07 -10.46
CA CYS A 117 5.47 -29.61 -9.27
C CYS A 117 4.42 -30.69 -9.57
N LYS A 118 3.80 -30.61 -10.76
CA LYS A 118 2.80 -31.61 -11.24
C LYS A 118 3.44 -32.86 -11.89
N PHE A 119 4.48 -32.63 -12.72
CA PHE A 119 5.29 -33.70 -13.32
C PHE A 119 6.64 -33.77 -12.59
N PRO A 120 6.75 -34.64 -11.55
CA PRO A 120 7.81 -34.44 -10.57
C PRO A 120 9.15 -35.00 -11.04
N SER A 121 9.77 -34.30 -11.99
CA SER A 121 11.10 -34.66 -12.51
C SER A 121 12.14 -33.55 -12.36
N ILE A 122 11.72 -32.40 -11.82
CA ILE A 122 12.63 -31.31 -11.50
C ILE A 122 12.08 -30.60 -10.27
N ASN A 123 12.51 -31.09 -9.11
CA ASN A 123 12.03 -30.62 -7.83
C ASN A 123 13.13 -29.95 -6.99
N SER A 124 14.32 -29.74 -7.57
CA SER A 124 15.46 -29.15 -6.85
C SER A 124 15.29 -27.63 -6.64
N PHE A 125 14.58 -26.98 -7.56
CA PHE A 125 14.35 -25.55 -7.47
C PHE A 125 12.97 -25.16 -8.09
N GLN A 126 11.93 -25.75 -7.52
CA GLN A 126 10.55 -25.42 -7.89
C GLN A 126 10.02 -24.26 -7.04
N LEU A 127 9.93 -24.45 -5.72
CA LEU A 127 9.34 -23.45 -4.82
C LEU A 127 10.33 -22.32 -4.61
N LYS A 128 9.82 -21.15 -4.26
CA LYS A 128 10.66 -20.01 -3.86
C LYS A 128 10.05 -19.32 -2.65
N ASP A 129 9.87 -20.11 -1.58
CA ASP A 129 9.23 -19.66 -0.34
C ASP A 129 7.87 -18.96 -0.59
N GLU A 130 7.13 -19.41 -1.60
CA GLU A 130 5.80 -18.87 -1.95
C GLU A 130 5.84 -17.37 -2.30
N PRO A 131 6.43 -17.03 -3.47
CA PRO A 131 6.57 -15.63 -3.92
C PRO A 131 5.27 -15.01 -4.43
N TRP A 132 4.28 -15.86 -4.68
CA TRP A 132 2.93 -15.42 -5.00
C TRP A 132 2.30 -14.51 -3.92
N MET A 133 2.32 -14.94 -2.67
CA MET A 133 1.70 -14.17 -1.58
C MET A 133 2.20 -12.72 -1.55
N ASP A 134 3.48 -12.53 -1.85
CA ASP A 134 4.07 -11.20 -1.95
C ASP A 134 3.71 -10.52 -3.29
N ALA A 135 2.55 -9.87 -3.26
CA ALA A 135 2.06 -9.03 -4.35
C ALA A 135 0.94 -8.13 -3.84
N THR A 136 1.06 -6.84 -4.15
CA THR A 136 0.05 -5.83 -3.78
C THR A 136 -1.38 -6.39 -3.73
N LYS A 137 -1.83 -6.95 -4.85
CA LYS A 137 -3.21 -7.37 -4.95
C LYS A 137 -3.46 -8.61 -4.10
N VAL A 138 -2.54 -9.57 -4.12
CA VAL A 138 -2.74 -10.78 -3.32
C VAL A 138 -2.69 -10.46 -1.81
N ARG A 139 -1.95 -9.43 -1.39
CA ARG A 139 -1.92 -9.05 0.05
C ARG A 139 -3.17 -8.28 0.52
N LYS A 140 -3.72 -7.44 -0.36
CA LYS A 140 -5.06 -6.85 -0.13
C LYS A 140 -6.16 -7.91 -0.20
N LEU A 141 -5.91 -8.95 -0.99
CA LEU A 141 -6.73 -10.17 -1.02
C LEU A 141 -6.53 -11.02 0.25
N LYS A 142 -5.31 -11.01 0.79
CA LYS A 142 -5.03 -11.57 2.11
C LYS A 142 -5.81 -10.83 3.19
N LYS A 143 -5.88 -9.50 3.04
CA LYS A 143 -6.73 -8.65 3.89
C LYS A 143 -8.25 -8.94 3.69
N LEU A 144 -8.68 -9.15 2.44
CA LEU A 144 -10.10 -9.49 2.09
C LEU A 144 -10.57 -10.89 2.54
N LEU A 145 -9.63 -11.81 2.76
CA LEU A 145 -9.98 -13.11 3.36
C LEU A 145 -10.29 -13.04 4.86
N THR A 146 -9.88 -11.94 5.51
CA THR A 146 -10.28 -11.64 6.90
C THR A 146 -11.80 -11.32 7.00
N ASN A 147 -12.41 -10.80 5.92
CA ASN A 147 -13.88 -10.69 5.83
C ASN A 147 -14.58 -12.02 5.70
N ALA A 148 -13.83 -13.07 5.33
CA ALA A 148 -14.26 -14.46 5.50
C ALA A 148 -13.71 -15.13 6.79
N VAL A 149 -13.32 -14.33 7.80
CA VAL A 149 -12.95 -14.80 9.14
C VAL A 149 -14.02 -14.40 10.16
N GLU A 150 -14.33 -13.10 10.23
CA GLU A 150 -15.41 -12.59 11.12
C GLU A 150 -16.71 -13.37 10.97
N ASN A 151 -17.14 -13.56 9.71
CA ASN A 151 -18.39 -14.24 9.37
C ASN A 151 -18.13 -15.43 8.41
N GLY A 152 -19.17 -16.21 8.13
CA GLY A 152 -19.07 -17.37 7.22
C GLY A 152 -19.31 -16.99 5.77
N ASP A 153 -18.39 -16.19 5.22
CA ASP A 153 -18.57 -15.58 3.89
C ASP A 153 -17.82 -16.32 2.80
N ARG A 154 -18.51 -16.57 1.69
CA ARG A 154 -17.90 -17.12 0.48
C ARG A 154 -17.86 -16.03 -0.60
N VAL A 155 -16.80 -16.04 -1.42
CA VAL A 155 -16.57 -15.03 -2.48
C VAL A 155 -16.65 -15.64 -3.89
N VAL A 156 -16.78 -14.78 -4.90
CA VAL A 156 -16.84 -15.18 -6.33
C VAL A 156 -15.85 -14.31 -7.11
N LEU A 157 -14.74 -14.90 -7.56
CA LEU A 157 -13.59 -14.10 -8.01
C LEU A 157 -13.28 -14.23 -9.50
N PHE A 158 -13.12 -13.09 -10.18
CA PHE A 158 -12.97 -13.03 -11.64
C PHE A 158 -11.57 -12.62 -12.09
N SER A 159 -11.25 -13.01 -13.34
CA SER A 159 -9.89 -12.94 -13.91
C SER A 159 -9.87 -12.61 -15.43
N GLN A 160 -9.01 -11.66 -15.80
CA GLN A 160 -8.80 -11.26 -17.19
C GLN A 160 -8.03 -12.32 -17.96
N PHE A 161 -6.85 -12.66 -17.46
CA PHE A 161 -5.97 -13.67 -18.08
C PHE A 161 -5.99 -15.01 -17.34
N THR A 162 -5.81 -16.08 -18.10
CA THR A 162 -5.82 -17.45 -17.54
C THR A 162 -4.63 -17.76 -16.61
N GLN A 163 -3.48 -17.18 -16.91
CA GLN A 163 -2.30 -17.27 -16.03
C GLN A 163 -2.52 -16.72 -14.62
N VAL A 164 -3.35 -15.67 -14.53
CA VAL A 164 -3.68 -15.05 -13.25
C VAL A 164 -4.51 -16.03 -12.41
N LEU A 165 -5.41 -16.77 -13.05
CA LEU A 165 -6.13 -17.87 -12.37
C LEU A 165 -5.13 -18.87 -11.80
N ASP A 166 -4.24 -19.35 -12.68
CA ASP A 166 -3.22 -20.32 -12.28
C ASP A 166 -2.24 -19.83 -11.19
N ILE A 167 -2.01 -18.51 -11.10
CA ILE A 167 -1.36 -17.96 -9.91
C ILE A 167 -2.31 -18.30 -8.76
N LEU A 168 -3.54 -17.80 -8.83
CA LEU A 168 -4.49 -17.92 -7.69
C LEU A 168 -4.80 -19.36 -7.30
N GLN A 169 -4.72 -20.26 -8.28
CA GLN A 169 -4.80 -21.71 -8.08
C GLN A 169 -3.79 -22.24 -7.03
N LEU A 170 -2.62 -21.59 -6.92
CA LEU A 170 -1.60 -21.89 -5.89
C LEU A 170 -1.23 -20.69 -4.96
N VAL A 171 -2.05 -19.63 -4.98
CA VAL A 171 -2.15 -18.68 -3.88
C VAL A 171 -2.97 -19.32 -2.77
N MET A 172 -4.02 -20.02 -3.18
CA MET A 172 -4.90 -20.70 -2.25
C MET A 172 -4.44 -22.12 -1.90
N LYS A 173 -3.15 -22.39 -2.06
CA LYS A 173 -2.48 -23.52 -1.41
C LYS A 173 -1.52 -22.97 -0.35
N SER A 174 -1.85 -21.79 0.23
CA SER A 174 -0.99 -21.11 1.20
C SER A 174 -1.72 -20.52 2.44
N LEU A 175 -2.87 -19.88 2.20
CA LEU A 175 -3.68 -19.25 3.26
C LEU A 175 -4.87 -20.10 3.66
N ASN A 176 -5.70 -20.43 2.66
CA ASN A 176 -6.86 -21.29 2.79
C ASN A 176 -6.86 -22.24 1.59
N LEU A 177 -7.37 -23.45 1.77
CA LEU A 177 -7.25 -24.51 0.76
C LEU A 177 -8.11 -24.32 -0.49
N LYS A 178 -7.59 -24.79 -1.63
CA LYS A 178 -8.25 -24.70 -2.94
C LYS A 178 -8.63 -26.07 -3.50
N PHE A 179 -9.67 -26.06 -4.33
CA PHE A 179 -10.44 -27.25 -4.68
C PHE A 179 -11.06 -27.27 -6.12
N LEU A 180 -11.13 -26.12 -6.79
CA LEU A 180 -11.97 -25.94 -7.99
C LEU A 180 -11.68 -24.64 -8.74
N ARG A 181 -11.26 -24.79 -9.99
CA ARG A 181 -10.84 -23.68 -10.84
C ARG A 181 -11.81 -23.52 -12.03
N PHE A 182 -12.79 -22.63 -11.88
CA PHE A 182 -13.83 -22.40 -12.91
C PHE A 182 -13.25 -21.62 -14.10
N ASP A 183 -12.71 -22.34 -15.08
CA ASP A 183 -12.04 -21.70 -16.22
C ASP A 183 -13.00 -20.97 -17.15
N GLY A 184 -12.47 -20.02 -17.91
CA GLY A 184 -13.22 -19.32 -18.94
C GLY A 184 -13.59 -20.19 -20.13
N SER A 185 -12.81 -21.24 -20.38
CA SER A 185 -13.09 -22.20 -21.44
C SER A 185 -13.91 -23.41 -20.91
N THR A 186 -14.91 -23.14 -20.05
CA THR A 186 -15.79 -24.16 -19.47
C THR A 186 -17.25 -23.91 -19.94
N GLN A 187 -17.40 -23.68 -21.25
CA GLN A 187 -18.69 -23.43 -21.89
C GLN A 187 -18.98 -24.56 -22.90
N VAL A 188 -18.89 -25.80 -22.42
CA VAL A 188 -19.02 -27.00 -23.27
C VAL A 188 -20.51 -27.38 -23.45
N ASP A 189 -21.23 -27.55 -22.35
CA ASP A 189 -22.67 -27.85 -22.37
C ASP A 189 -23.26 -27.76 -20.95
N PHE A 190 -23.58 -26.53 -20.54
CA PHE A 190 -24.21 -26.23 -19.25
C PHE A 190 -23.64 -27.00 -18.05
N ARG A 191 -22.45 -26.56 -17.60
CA ARG A 191 -21.75 -27.08 -16.42
C ARG A 191 -22.61 -27.19 -15.12
N GLN A 192 -22.42 -28.30 -14.39
CA GLN A 192 -23.19 -28.62 -13.17
C GLN A 192 -22.27 -29.01 -12.00
N ASP A 193 -21.49 -30.09 -12.15
CA ASP A 193 -20.61 -30.62 -11.07
C ASP A 193 -19.60 -29.57 -10.54
N LEU A 194 -19.18 -28.67 -11.41
CA LEU A 194 -18.30 -27.55 -11.05
C LEU A 194 -19.04 -26.35 -10.43
N ILE A 195 -20.38 -26.40 -10.37
CA ILE A 195 -21.20 -25.30 -9.83
C ILE A 195 -22.26 -25.73 -8.78
N ASP A 196 -22.35 -27.03 -8.46
CA ASP A 196 -23.42 -27.51 -7.56
C ASP A 196 -22.88 -27.77 -6.14
N GLN A 197 -22.03 -28.78 -5.96
CA GLN A 197 -21.58 -29.19 -4.61
C GLN A 197 -20.63 -28.17 -3.96
N PHE A 198 -21.18 -27.00 -3.69
CA PHE A 198 -20.44 -25.82 -3.24
C PHE A 198 -21.15 -25.27 -1.99
N TYR A 199 -20.48 -24.33 -1.30
CA TYR A 199 -21.02 -23.58 -0.14
C TYR A 199 -21.04 -24.37 1.19
N ALA A 200 -20.17 -25.38 1.33
CA ALA A 200 -20.01 -26.10 2.60
C ALA A 200 -19.08 -25.33 3.54
N ASP A 201 -19.29 -25.49 4.84
CA ASP A 201 -18.60 -24.73 5.92
C ASP A 201 -17.22 -24.09 5.60
N GLU A 202 -16.11 -24.84 5.76
CA GLU A 202 -14.73 -24.31 5.66
C GLU A 202 -13.78 -25.06 4.68
N SER A 203 -14.21 -26.18 4.09
CA SER A 203 -13.39 -26.96 3.14
C SER A 203 -13.68 -26.65 1.67
N ILE A 204 -14.60 -25.72 1.42
CA ILE A 204 -14.96 -25.31 0.05
C ILE A 204 -15.54 -23.86 0.05
N ASN A 205 -14.63 -22.89 0.24
CA ASN A 205 -14.96 -21.48 0.49
C ASN A 205 -15.10 -20.62 -0.79
N VAL A 206 -13.99 -20.43 -1.52
CA VAL A 206 -13.91 -19.45 -2.66
C VAL A 206 -13.60 -20.10 -4.02
N PHE A 207 -14.21 -19.58 -5.09
CA PHE A 207 -14.15 -20.24 -6.41
C PHE A 207 -13.84 -19.27 -7.57
N LEU A 208 -12.91 -19.67 -8.43
CA LEU A 208 -12.22 -18.74 -9.34
C LEU A 208 -12.85 -18.70 -10.73
N LEU A 209 -13.50 -17.58 -11.06
CA LEU A 209 -14.20 -17.35 -12.36
C LEU A 209 -13.30 -16.67 -13.40
N SER A 210 -13.77 -16.62 -14.66
CA SER A 210 -13.02 -16.02 -15.77
C SER A 210 -13.86 -15.07 -16.66
N THR A 211 -13.16 -14.29 -17.50
CA THR A 211 -13.77 -13.32 -18.45
C THR A 211 -14.59 -14.01 -19.54
N LYS A 212 -13.98 -15.03 -20.15
CA LYS A 212 -14.63 -15.84 -21.20
C LYS A 212 -15.90 -16.56 -20.72
N ALA A 213 -16.01 -16.81 -19.41
CA ALA A 213 -17.25 -17.25 -18.78
C ALA A 213 -18.32 -16.15 -18.95
N GLY A 214 -19.32 -16.43 -19.78
CA GLY A 214 -20.33 -15.46 -20.18
C GLY A 214 -21.19 -14.90 -19.06
N GLY A 215 -21.78 -13.75 -19.32
CA GLY A 215 -22.66 -13.07 -18.37
C GLY A 215 -24.15 -13.20 -18.61
N PHE A 216 -24.56 -13.90 -19.69
CA PHE A 216 -25.97 -14.18 -19.99
C PHE A 216 -26.67 -14.76 -18.74
N GLY A 217 -26.01 -15.74 -18.13
CA GLY A 217 -26.44 -16.31 -16.86
C GLY A 217 -25.50 -15.93 -15.72
N ILE A 218 -25.91 -16.34 -14.52
CA ILE A 218 -25.15 -16.15 -13.27
C ILE A 218 -25.12 -17.49 -12.51
N ASN A 219 -24.99 -17.46 -11.18
CA ASN A 219 -25.34 -18.61 -10.31
C ASN A 219 -26.05 -18.11 -9.03
N LEU A 220 -26.02 -18.89 -7.94
CA LEU A 220 -26.58 -18.42 -6.66
C LEU A 220 -25.88 -17.15 -6.13
N ALA A 221 -26.67 -16.30 -5.45
CA ALA A 221 -26.19 -15.06 -4.83
C ALA A 221 -25.79 -15.19 -3.32
N CYS A 222 -25.80 -16.42 -2.78
CA CYS A 222 -25.34 -16.73 -1.41
C CYS A 222 -23.91 -16.22 -1.19
N ALA A 223 -23.10 -16.36 -2.23
CA ALA A 223 -21.86 -15.62 -2.37
C ALA A 223 -22.24 -14.14 -2.48
N ASN A 224 -21.93 -13.41 -1.42
CA ASN A 224 -22.27 -11.99 -1.28
C ASN A 224 -21.21 -11.05 -1.92
N MET A 225 -19.95 -11.24 -1.48
CA MET A 225 -18.76 -10.46 -1.96
C MET A 225 -18.26 -10.97 -3.31
N VAL A 226 -17.84 -10.03 -4.16
CA VAL A 226 -17.26 -10.36 -5.46
C VAL A 226 -16.05 -9.43 -5.67
N ILE A 227 -14.94 -10.03 -6.11
CA ILE A 227 -13.68 -9.33 -6.33
C ILE A 227 -13.27 -9.50 -7.77
N LEU A 228 -13.13 -8.39 -8.48
CA LEU A 228 -12.49 -8.40 -9.79
C LEU A 228 -11.01 -8.07 -9.62
N TYR A 229 -10.16 -9.02 -10.00
CA TYR A 229 -8.71 -8.85 -9.88
C TYR A 229 -8.24 -7.65 -10.71
N ASP A 230 -8.81 -7.49 -11.89
CA ASP A 230 -8.40 -6.44 -12.80
C ASP A 230 -9.61 -5.76 -13.40
N VAL A 231 -9.34 -4.76 -14.22
CA VAL A 231 -10.38 -4.00 -14.90
C VAL A 231 -10.27 -4.10 -16.43
N SER A 232 -11.45 -4.07 -17.04
CA SER A 232 -11.70 -4.47 -18.41
C SER A 232 -11.67 -3.27 -19.36
N PHE A 233 -11.89 -3.52 -20.66
CA PHE A 233 -11.81 -2.47 -21.69
C PHE A 233 -13.19 -1.83 -22.03
N ASN A 234 -14.10 -2.59 -22.65
CA ASN A 234 -15.35 -2.02 -23.19
C ASN A 234 -16.57 -2.47 -22.41
N PRO A 235 -17.73 -1.80 -22.62
CA PRO A 235 -19.01 -2.31 -22.14
C PRO A 235 -19.51 -3.50 -22.99
N PHE A 236 -18.93 -4.67 -22.70
CA PHE A 236 -19.46 -5.99 -23.09
C PHE A 236 -19.75 -6.87 -21.85
N ASP A 237 -18.87 -6.81 -20.85
CA ASP A 237 -19.09 -7.43 -19.54
C ASP A 237 -18.89 -6.41 -18.38
N ASP A 238 -19.37 -5.17 -18.57
CA ASP A 238 -19.35 -4.16 -17.49
C ASP A 238 -20.38 -4.55 -16.41
N LEU A 239 -21.63 -4.71 -16.83
CA LEU A 239 -22.75 -5.00 -15.93
C LEU A 239 -23.04 -6.50 -15.87
N GLN A 240 -22.80 -7.22 -16.98
CA GLN A 240 -23.14 -8.65 -17.09
C GLN A 240 -22.22 -9.58 -16.30
N ALA A 241 -20.96 -9.18 -16.12
CA ALA A 241 -20.07 -9.83 -15.15
C ALA A 241 -20.42 -9.41 -13.71
N GLU A 242 -20.83 -8.15 -13.56
CA GLU A 242 -21.09 -7.51 -12.25
C GLU A 242 -22.59 -7.38 -11.90
N ASP A 243 -23.41 -8.38 -12.25
CA ASP A 243 -24.83 -8.43 -11.81
C ASP A 243 -25.27 -9.81 -11.23
N ARG A 244 -24.28 -10.55 -10.72
CA ARG A 244 -24.50 -11.87 -10.10
C ARG A 244 -25.00 -11.73 -8.65
N ALA A 245 -24.84 -10.54 -8.06
CA ALA A 245 -25.42 -10.18 -6.76
C ALA A 245 -26.24 -8.87 -6.82
N HIS A 246 -26.82 -8.59 -7.99
CA HIS A 246 -27.71 -7.43 -8.24
C HIS A 246 -29.17 -7.92 -8.17
N ARG A 247 -29.59 -8.26 -6.95
CA ARG A 247 -30.86 -8.91 -6.67
C ARG A 247 -31.79 -8.04 -5.78
N VAL A 248 -33.04 -8.50 -5.62
CA VAL A 248 -34.03 -7.91 -4.69
C VAL A 248 -34.39 -8.87 -3.51
N GLY A 249 -34.00 -10.15 -3.61
CA GLY A 249 -34.33 -11.17 -2.59
C GLY A 249 -33.26 -11.47 -1.53
N GLN A 250 -32.19 -10.66 -1.52
CA GLN A 250 -31.13 -10.74 -0.48
C GLN A 250 -31.71 -10.37 0.90
N LYS A 251 -30.98 -10.74 1.97
CA LYS A 251 -31.40 -10.40 3.36
C LYS A 251 -30.34 -9.66 4.21
N LYS A 252 -29.17 -9.35 3.62
CA LYS A 252 -28.07 -8.65 4.30
C LYS A 252 -27.35 -7.71 3.29
N GLU A 253 -26.25 -7.08 3.71
CA GLU A 253 -25.44 -6.25 2.80
C GLU A 253 -24.68 -7.11 1.79
N VAL A 254 -24.47 -6.56 0.59
CA VAL A 254 -23.77 -7.26 -0.51
C VAL A 254 -22.98 -6.24 -1.38
N THR A 255 -21.65 -6.24 -1.23
CA THR A 255 -20.76 -5.25 -1.89
C THR A 255 -20.01 -5.86 -3.05
N VAL A 256 -19.97 -5.14 -4.16
CA VAL A 256 -19.11 -5.48 -5.31
C VAL A 256 -17.74 -4.82 -5.11
N TYR A 257 -16.68 -5.50 -5.56
CA TYR A 257 -15.32 -5.08 -5.31
C TYR A 257 -14.44 -5.30 -6.56
N LYS A 258 -13.69 -4.27 -6.99
CA LYS A 258 -12.66 -4.43 -8.04
C LYS A 258 -11.32 -3.75 -7.68
N PHE A 259 -10.25 -4.56 -7.75
CA PHE A 259 -8.90 -4.12 -7.43
C PHE A 259 -8.43 -3.00 -8.33
N VAL A 260 -7.50 -2.22 -7.80
CA VAL A 260 -6.84 -1.16 -8.58
C VAL A 260 -5.37 -1.14 -8.12
N VAL A 261 -4.64 -0.04 -8.39
CA VAL A 261 -3.19 0.06 -8.15
C VAL A 261 -2.89 1.50 -7.72
N LYS A 262 -1.61 1.81 -7.53
CA LYS A 262 -1.17 3.16 -7.16
C LYS A 262 -1.33 4.24 -8.25
N ASP A 263 -0.41 4.25 -9.21
CA ASP A 263 -0.25 5.36 -10.15
C ASP A 263 0.16 4.69 -11.46
N THR A 264 -0.69 3.75 -11.87
CA THR A 264 -0.43 2.89 -13.01
C THR A 264 -1.60 2.99 -13.96
N ILE A 265 -1.36 2.70 -15.25
CA ILE A 265 -2.37 2.78 -16.32
C ILE A 265 -3.75 2.12 -16.02
N GLU A 266 -3.78 1.15 -15.09
CA GLU A 266 -5.04 0.58 -14.60
C GLU A 266 -5.98 1.62 -13.90
N GLU A 267 -5.40 2.47 -13.06
CA GLU A 267 -6.09 3.68 -12.58
C GLU A 267 -6.54 4.59 -13.73
N HIS A 268 -5.85 4.57 -14.88
CA HIS A 268 -6.17 5.47 -16.00
C HIS A 268 -7.32 5.02 -16.90
N ILE A 269 -7.45 3.69 -17.05
CA ILE A 269 -8.58 3.10 -17.80
C ILE A 269 -9.91 3.10 -17.01
N GLN A 270 -9.80 3.08 -15.68
CA GLN A 270 -10.87 3.60 -14.85
C GLN A 270 -10.73 5.12 -14.90
N ARG A 271 -11.43 5.72 -15.86
CA ARG A 271 -11.16 7.11 -16.30
C ARG A 271 -10.60 8.05 -15.22
N LEU A 272 -9.64 8.92 -15.61
CA LEU A 272 -9.09 9.98 -14.70
C LEU A 272 -9.18 11.43 -15.25
N ALA A 273 -9.86 11.60 -16.39
CA ALA A 273 -9.78 12.84 -17.21
C ALA A 273 -10.75 13.95 -16.69
N ASN A 274 -11.81 14.27 -17.44
CA ASN A 274 -12.70 15.37 -17.11
C ASN A 274 -14.01 15.33 -17.88
N ALA A 275 -15.11 15.54 -17.16
CA ALA A 275 -16.46 15.53 -17.74
C ALA A 275 -16.82 16.84 -18.47
N LYS A 276 -17.95 16.81 -19.19
CA LYS A 276 -18.24 17.81 -20.21
C LYS A 276 -19.51 18.57 -19.88
N ILE A 277 -19.37 19.88 -19.62
CA ILE A 277 -20.49 20.76 -19.21
C ILE A 277 -21.24 21.27 -20.45
N ALA A 278 -22.07 20.39 -21.01
CA ALA A 278 -22.95 20.70 -22.13
C ALA A 278 -24.39 20.49 -21.67
N THR B 2 -7.85 23.08 -2.22
CA THR B 2 -8.48 23.14 -3.59
C THR B 2 -8.80 21.73 -4.16
N ARG B 3 -7.75 20.91 -4.39
CA ARG B 3 -7.86 19.60 -5.06
C ARG B 3 -6.68 18.61 -4.89
N ILE B 4 -6.83 17.69 -3.94
CA ILE B 4 -5.87 16.59 -3.73
C ILE B 4 -6.52 15.36 -3.03
N ILE B 5 -6.14 14.17 -3.50
CA ILE B 5 -6.59 12.87 -2.96
C ILE B 5 -5.37 11.95 -2.67
N GLU B 6 -4.40 12.47 -1.92
CA GLU B 6 -3.18 11.72 -1.61
C GLU B 6 -3.40 10.78 -0.42
N PHE B 7 -3.65 9.51 -0.74
CA PHE B 7 -3.98 8.48 0.25
C PHE B 7 -2.88 7.45 0.41
N CYS B 8 -2.56 7.11 1.67
CA CYS B 8 -1.52 6.15 2.01
C CYS B 8 -2.14 4.85 2.53
N GLU B 9 -1.39 3.75 2.41
CA GLU B 9 -1.75 2.42 2.93
C GLU B 9 -0.72 1.99 3.97
N PHE B 10 -1.14 1.22 4.96
CA PHE B 10 -0.21 0.73 6.01
C PHE B 10 0.87 -0.23 5.43
N SER B 11 1.88 -0.50 6.24
CA SER B 11 2.84 -1.57 6.00
C SER B 11 2.48 -2.76 6.89
N GLU B 12 2.74 -3.97 6.41
CA GLU B 12 2.42 -5.22 7.14
C GLU B 12 2.62 -5.16 8.65
N GLU B 13 3.70 -4.52 9.08
CA GLU B 13 4.05 -4.43 10.48
C GLU B 13 3.18 -3.42 11.22
N GLU B 14 3.12 -2.20 10.67
CA GLU B 14 2.39 -1.09 11.28
C GLU B 14 0.88 -1.34 11.44
N ARG B 15 0.33 -2.18 10.58
CA ARG B 15 -1.09 -2.58 10.64
C ARG B 15 -1.40 -3.43 11.86
N ARG B 16 -0.54 -4.40 12.18
CA ARG B 16 -0.68 -5.23 13.39
C ARG B 16 -0.54 -4.37 14.65
N ARG B 17 0.36 -3.40 14.57
CA ARG B 17 0.55 -2.36 15.58
C ARG B 17 -0.75 -1.55 15.89
N TYR B 18 -1.35 -0.99 14.85
CA TYR B 18 -2.58 -0.16 14.93
C TYR B 18 -3.86 -0.94 15.27
N ASP B 19 -4.08 -2.09 14.64
CA ASP B 19 -5.23 -2.97 14.98
C ASP B 19 -5.19 -3.36 16.48
N ASP B 20 -3.98 -3.60 17.01
CA ASP B 20 -3.77 -3.79 18.47
C ASP B 20 -4.03 -2.50 19.24
N PHE B 21 -5.29 -2.08 19.21
CA PHE B 21 -5.75 -0.96 20.01
C PHE B 21 -7.24 -1.18 20.37
N ALA B 22 -7.61 -2.45 20.49
CA ALA B 22 -8.90 -2.88 21.03
C ALA B 22 -8.71 -3.07 22.55
N SER B 23 -7.63 -3.77 22.90
CA SER B 23 -7.25 -4.01 24.29
C SER B 23 -6.64 -2.80 24.99
N LYS B 24 -5.82 -2.03 24.27
CA LYS B 24 -5.00 -0.91 24.80
C LYS B 24 -5.79 0.23 25.56
N GLN B 25 -6.82 0.77 24.91
CA GLN B 25 -7.80 1.69 25.55
C GLN B 25 -8.84 0.95 26.46
N SER B 26 -9.65 0.12 25.81
CA SER B 26 -10.83 -0.50 26.39
C SER B 26 -11.46 -1.40 25.31
N VAL B 27 -11.68 -2.67 25.64
CA VAL B 27 -12.25 -3.66 24.71
C VAL B 27 -13.77 -3.82 24.96
N ASN B 28 -14.41 -2.75 25.46
CA ASN B 28 -15.75 -2.81 26.07
C ASN B 28 -15.90 -3.90 27.17
N SER B 29 -14.86 -4.04 27.99
CA SER B 29 -14.84 -4.94 29.16
C SER B 29 -15.14 -4.23 30.48
N LEU B 30 -14.81 -2.93 30.56
CA LEU B 30 -15.11 -2.10 31.74
C LEU B 30 -15.79 -0.73 31.48
N LEU B 31 -16.13 -0.41 30.23
CA LEU B 31 -16.81 0.86 29.89
C LEU B 31 -18.23 0.66 29.31
N ASP B 32 -18.87 -0.45 29.66
CA ASP B 32 -20.30 -0.68 29.30
C ASP B 32 -21.13 -1.69 30.16
N GLU B 33 -20.49 -2.56 30.95
CA GLU B 33 -21.18 -3.61 31.76
C GLU B 33 -20.70 -3.82 33.24
N ASN B 34 -19.39 -3.79 33.50
CA ASN B 34 -18.82 -4.31 34.77
C ASN B 34 -19.30 -3.59 36.04
N VAL B 35 -19.21 -4.29 37.18
CA VAL B 35 -19.57 -3.75 38.50
C VAL B 35 -18.71 -2.54 38.88
N MET B 36 -19.32 -1.59 39.57
CA MET B 36 -18.64 -0.37 40.02
C MET B 36 -18.36 -0.42 41.52
N LYS B 37 -17.31 0.28 41.93
CA LYS B 37 -16.77 0.19 43.27
C LYS B 37 -17.48 1.18 44.19
N THR B 38 -17.32 2.46 43.88
CA THR B 38 -17.68 3.55 44.80
C THR B 38 -18.57 4.60 44.10
N ASN B 39 -19.86 4.26 44.05
CA ASN B 39 -20.93 5.13 43.53
C ASN B 39 -22.21 4.84 44.32
N LEU B 40 -23.26 5.62 44.07
CA LEU B 40 -24.57 5.37 44.70
C LEU B 40 -25.24 4.14 44.07
N ASP B 41 -25.72 3.22 44.92
CA ASP B 41 -26.36 1.97 44.46
C ASP B 41 -27.74 2.22 43.87
N THR B 42 -28.22 1.21 43.14
CA THR B 42 -29.47 1.28 42.36
C THR B 42 -29.38 2.37 41.28
N ASN B 45 -24.23 9.35 37.17
CA ASN B 45 -23.65 8.60 36.06
C ASN B 45 -22.21 9.06 35.82
N LEU B 46 -21.38 8.84 36.85
CA LEU B 46 -19.98 9.33 36.88
C LEU B 46 -19.00 8.33 36.26
N ALA B 47 -19.45 7.09 36.02
CA ALA B 47 -18.64 5.98 35.47
C ALA B 47 -18.76 5.79 33.95
N LYS B 48 -19.84 6.31 33.38
CA LYS B 48 -20.00 6.34 31.91
C LYS B 48 -19.43 7.63 31.28
N LYS B 49 -19.71 8.79 31.88
CA LYS B 49 -19.18 10.06 31.36
C LYS B 49 -17.65 10.18 31.42
N LYS B 50 -17.03 9.47 32.35
CA LYS B 50 -15.58 9.37 32.35
C LYS B 50 -15.02 8.59 31.13
N SER B 51 -15.85 8.25 30.13
CA SER B 51 -15.33 7.66 28.87
C SER B 51 -14.91 8.76 27.87
N THR B 52 -14.14 9.70 28.38
CA THR B 52 -13.57 10.74 27.59
C THR B 52 -12.40 10.17 26.76
N ALA B 53 -12.72 9.83 25.50
CA ALA B 53 -11.76 9.19 24.59
C ALA B 53 -10.64 10.07 24.09
N GLY B 54 -10.75 11.39 24.27
CA GLY B 54 -9.72 12.35 23.87
C GLY B 54 -8.30 11.81 23.90
N PHE B 55 -8.00 11.10 25.01
CA PHE B 55 -6.72 10.38 25.17
C PHE B 55 -6.47 9.31 24.08
N VAL B 56 -7.43 8.41 24.05
CA VAL B 56 -7.50 7.33 23.07
C VAL B 56 -7.38 7.92 21.67
N LEU B 57 -8.12 9.00 21.44
CA LEU B 57 -8.10 9.70 20.15
C LEU B 57 -6.68 10.13 19.80
N VAL B 58 -6.04 10.84 20.72
CA VAL B 58 -4.63 11.34 20.53
C VAL B 58 -3.65 10.17 20.28
N GLN B 59 -3.80 9.12 21.10
CA GLN B 59 -3.04 7.90 20.92
C GLN B 59 -3.15 7.38 19.48
N LEU B 60 -4.39 7.27 18.97
CA LEU B 60 -4.63 6.89 17.56
C LEU B 60 -3.97 7.91 16.64
N ARG B 61 -4.22 9.17 16.95
CA ARG B 61 -3.69 10.25 16.15
C ARG B 61 -2.18 10.17 16.10
N LYS B 62 -1.57 9.69 17.19
CA LYS B 62 -0.14 9.34 17.19
C LYS B 62 0.24 8.16 16.26
N LEU B 63 -0.38 6.99 16.45
CA LEU B 63 -0.07 5.79 15.68
C LEU B 63 0.14 6.08 14.18
N ALA B 64 -0.94 6.58 13.55
CA ALA B 64 -1.07 6.83 12.09
C ALA B 64 0.19 7.35 11.42
N ASP B 65 0.53 8.59 11.72
CA ASP B 65 1.71 9.24 11.10
C ASP B 65 3.04 8.93 11.82
N HIS B 66 2.95 8.58 13.10
CA HIS B 66 4.11 8.56 14.00
C HIS B 66 4.13 7.18 14.68
N PRO B 67 4.86 6.21 14.10
CA PRO B 67 5.22 4.96 14.85
C PRO B 67 6.53 4.97 15.67
N MET B 68 7.06 6.17 15.96
CA MET B 68 8.30 6.33 16.75
C MET B 68 8.14 7.30 17.96
N LEU B 69 6.93 7.36 18.52
CA LEU B 69 6.71 8.02 19.82
C LEU B 69 6.73 6.95 20.91
N PHE B 70 6.30 5.76 20.53
CA PHE B 70 5.90 4.77 21.50
C PHE B 70 7.10 4.10 22.11
N ARG B 71 6.89 3.53 23.29
CA ARG B 71 7.95 2.95 24.09
C ARG B 71 8.06 1.51 23.62
N ILE B 72 8.44 1.34 22.34
CA ILE B 72 8.22 0.06 21.63
C ILE B 72 9.37 -0.98 21.74
N HIS B 73 10.62 -0.54 21.58
CA HIS B 73 11.76 -1.45 21.77
C HIS B 73 12.42 -1.15 23.12
N TYR B 74 12.72 0.12 23.40
CA TYR B 74 13.26 0.54 24.69
C TYR B 74 12.15 0.51 25.75
N LYS B 75 12.01 -0.66 26.36
CA LYS B 75 11.13 -0.87 27.52
C LYS B 75 12.02 -1.19 28.73
N ASP B 76 11.59 -2.04 29.65
CA ASP B 76 12.27 -2.18 30.93
C ASP B 76 13.75 -2.63 30.81
N ASP B 77 13.98 -3.85 30.31
CA ASP B 77 15.34 -4.48 30.31
C ASP B 77 16.41 -3.75 29.47
N ILE B 78 16.03 -3.10 28.37
CA ILE B 78 16.98 -2.53 27.40
C ILE B 78 17.25 -1.01 27.67
N LEU B 79 16.69 -0.48 28.77
CA LEU B 79 16.88 0.94 29.20
C LEU B 79 17.93 1.14 30.32
N ARG B 80 18.10 0.14 31.18
CA ARG B 80 19.05 0.20 32.29
C ARG B 80 20.50 0.36 31.81
N GLN B 81 20.87 -0.32 30.71
CA GLN B 81 22.20 -0.17 30.05
C GLN B 81 22.61 1.29 29.80
N MET B 82 21.62 2.12 29.50
CA MET B 82 21.81 3.56 29.35
C MET B 82 21.88 4.29 30.71
N ALA B 83 21.16 3.77 31.71
CA ALA B 83 21.11 4.34 33.07
C ALA B 83 22.42 4.27 33.90
N LYS B 84 23.28 3.29 33.64
CA LYS B 84 24.59 3.24 34.31
C LYS B 84 25.51 4.33 33.76
N ALA B 85 25.44 4.52 32.44
CA ALA B 85 26.28 5.47 31.70
C ALA B 85 25.69 6.90 31.55
N ILE B 86 24.79 7.31 32.46
CA ILE B 86 24.26 8.70 32.55
C ILE B 86 24.75 9.42 33.83
N MET B 87 25.92 9.01 34.33
CA MET B 87 26.56 9.62 35.50
C MET B 87 27.92 10.21 35.12
N ASN B 88 27.92 11.10 34.12
CA ASN B 88 29.16 11.68 33.57
C ASN B 88 29.36 13.15 33.92
N GLU B 89 28.41 14.00 33.53
CA GLU B 89 28.45 15.44 33.89
C GLU B 89 27.54 15.87 35.07
N PRO B 90 26.25 15.44 35.10
CA PRO B 90 25.38 15.91 36.18
C PRO B 90 24.98 14.77 37.15
N GLN B 91 25.94 13.98 37.62
CA GLN B 91 25.67 12.89 38.58
C GLN B 91 25.62 13.41 40.03
N TYR B 92 24.74 12.81 40.84
CA TYR B 92 24.52 13.22 42.24
C TYR B 92 24.25 14.72 42.43
N ALA B 95 22.03 9.83 40.60
CA ALA B 95 21.58 9.36 39.28
C ALA B 95 21.36 7.82 39.27
N ASN B 96 20.51 7.35 40.20
CA ASN B 96 20.21 5.92 40.39
C ASN B 96 18.82 5.51 39.86
N GLU B 97 18.45 4.23 40.00
CA GLU B 97 17.17 3.69 39.49
C GLU B 97 15.93 4.43 40.02
N LEU B 98 15.91 4.74 41.32
CA LEU B 98 14.74 5.36 41.99
C LEU B 98 14.22 6.65 41.35
N TYR B 99 15.09 7.40 40.68
CA TYR B 99 14.71 8.63 39.97
C TYR B 99 15.05 8.66 38.45
N ILE B 100 16.04 7.88 37.99
CA ILE B 100 16.48 7.92 36.57
C ILE B 100 15.73 6.94 35.66
N PHE B 101 15.32 5.80 36.19
CA PHE B 101 14.56 4.81 35.42
C PHE B 101 13.08 5.21 35.17
N GLU B 102 12.46 5.91 36.13
CA GLU B 102 11.10 6.47 35.97
C GLU B 102 11.19 7.54 34.93
N ASP B 103 12.13 8.46 35.14
CA ASP B 103 12.55 9.46 34.17
C ASP B 103 12.64 8.88 32.75
N MET B 104 13.38 7.78 32.59
CA MET B 104 13.59 7.14 31.27
C MET B 104 12.27 6.73 30.62
N GLN B 105 11.66 5.66 31.15
CA GLN B 105 10.57 4.94 30.47
C GLN B 105 9.34 5.80 30.14
N TYR B 106 9.17 6.93 30.84
CA TYR B 106 8.12 7.92 30.51
C TYR B 106 8.49 8.81 29.31
N MET B 107 9.75 8.78 28.85
CA MET B 107 10.15 9.59 27.69
C MET B 107 9.70 9.00 26.33
N SER B 108 9.62 9.88 25.34
CA SER B 108 9.35 9.51 23.94
C SER B 108 10.47 8.62 23.38
N ASP B 109 10.23 7.95 22.25
CA ASP B 109 11.27 7.18 21.53
C ASP B 109 12.19 8.08 20.65
N ILE B 110 11.88 9.37 20.61
CA ILE B 110 12.75 10.37 20.03
C ILE B 110 13.59 11.07 21.10
N GLU B 111 13.10 11.16 22.34
CA GLU B 111 13.96 11.57 23.47
C GLU B 111 15.10 10.55 23.75
N LEU B 112 14.79 9.26 23.56
CA LEU B 112 15.77 8.19 23.78
C LEU B 112 16.86 8.14 22.70
N HIS B 113 16.66 8.88 21.61
CA HIS B 113 17.68 9.18 20.61
C HIS B 113 18.33 10.55 20.89
N ASN B 114 17.59 11.50 21.48
CA ASN B 114 18.16 12.82 21.87
C ASN B 114 19.31 12.72 22.88
N LEU B 115 19.06 12.04 24.01
CA LEU B 115 20.09 11.82 25.05
C LEU B 115 20.93 10.52 24.90
N CYS B 116 20.65 9.73 23.85
CA CYS B 116 21.47 8.55 23.50
C CYS B 116 22.22 8.69 22.17
N CYS B 117 22.11 9.85 21.51
CA CYS B 117 22.88 10.16 20.30
C CYS B 117 23.75 11.39 20.53
N LYS B 118 23.12 12.47 21.02
CA LYS B 118 23.82 13.74 21.32
C LYS B 118 24.51 13.79 22.70
N PHE B 119 24.52 12.67 23.43
CA PHE B 119 25.45 12.46 24.54
C PHE B 119 26.50 11.41 24.15
N PRO B 120 27.80 11.82 24.05
CA PRO B 120 28.83 10.80 23.82
C PRO B 120 28.89 9.72 24.91
N SER B 121 28.51 10.05 26.16
CA SER B 121 28.49 9.11 27.28
C SER B 121 27.76 7.80 26.96
N ILE B 122 26.69 7.89 26.18
CA ILE B 122 26.00 6.71 25.67
C ILE B 122 25.95 6.80 24.15
N ASN B 123 26.89 6.09 23.51
CA ASN B 123 26.91 5.91 22.04
C ASN B 123 27.42 4.51 21.62
N SER B 124 27.06 3.50 22.41
CA SER B 124 27.24 2.09 22.05
C SER B 124 25.89 1.34 21.84
N PHE B 125 24.89 1.66 22.66
CA PHE B 125 23.59 0.94 22.64
C PHE B 125 22.41 1.85 22.24
N GLN B 126 22.61 2.62 21.17
CA GLN B 126 21.63 3.58 20.63
C GLN B 126 20.76 2.90 19.55
N LEU B 127 20.19 3.67 18.61
CA LEU B 127 19.47 3.09 17.46
C LEU B 127 20.38 2.23 16.57
N LYS B 128 19.77 1.41 15.71
CA LYS B 128 20.46 0.33 14.98
C LYS B 128 20.74 0.72 13.53
N ASP B 129 19.68 1.12 12.84
CA ASP B 129 19.73 1.56 11.46
C ASP B 129 18.93 2.87 11.40
N GLU B 130 18.13 3.08 10.34
CA GLU B 130 17.19 4.20 10.28
C GLU B 130 15.76 3.63 10.40
N PRO B 131 15.17 3.67 11.62
CA PRO B 131 13.81 3.16 11.83
C PRO B 131 12.74 4.19 11.48
N TRP B 132 13.15 5.46 11.32
CA TRP B 132 12.27 6.52 10.82
C TRP B 132 11.74 6.27 9.38
N MET B 133 12.57 5.65 8.53
CA MET B 133 12.14 5.23 7.18
C MET B 133 11.21 4.01 7.21
N ASP B 134 11.31 3.19 8.25
CA ASP B 134 10.28 2.18 8.57
C ASP B 134 9.05 2.89 9.16
N ALA B 135 8.24 3.45 8.25
CA ALA B 135 6.98 4.13 8.58
C ALA B 135 6.20 4.43 7.29
N THR B 136 5.09 3.70 7.11
CA THR B 136 4.34 3.65 5.83
C THR B 136 3.81 4.99 5.29
N LYS B 137 3.67 5.98 6.16
CA LYS B 137 3.40 7.35 5.70
C LYS B 137 4.74 7.95 5.25
N VAL B 138 5.75 7.79 6.10
CA VAL B 138 7.04 8.45 5.95
C VAL B 138 7.86 7.88 4.80
N ARG B 139 7.69 6.59 4.51
CA ARG B 139 8.39 5.99 3.35
C ARG B 139 7.82 6.44 2.00
N LYS B 140 6.50 6.55 1.93
CA LYS B 140 5.83 7.01 0.71
C LYS B 140 5.86 8.56 0.62
N LEU B 141 6.19 9.22 1.74
CA LEU B 141 6.54 10.64 1.72
C LEU B 141 7.71 10.87 0.78
N LYS B 142 8.74 10.04 0.95
CA LYS B 142 9.92 10.06 0.10
C LYS B 142 9.57 9.94 -1.37
N LYS B 143 8.53 9.14 -1.70
CA LYS B 143 8.04 8.97 -3.09
C LYS B 143 7.70 10.30 -3.78
N LEU B 144 7.09 11.22 -3.02
CA LEU B 144 6.86 12.59 -3.51
C LEU B 144 7.96 13.56 -3.01
N LEU B 145 9.19 13.04 -2.89
CA LEU B 145 10.40 13.83 -2.70
C LEU B 145 11.39 13.56 -3.84
N THR B 146 11.74 12.29 -4.06
CA THR B 146 12.68 11.91 -5.12
C THR B 146 12.14 12.09 -6.55
N ASN B 147 10.82 12.27 -6.70
CA ASN B 147 10.20 12.72 -7.97
C ASN B 147 10.27 14.24 -8.19
N ALA B 148 10.28 15.01 -7.10
CA ALA B 148 10.63 16.44 -7.11
C ALA B 148 12.11 16.68 -6.72
N VAL B 149 12.94 15.63 -6.86
CA VAL B 149 14.42 15.75 -6.96
C VAL B 149 14.79 16.13 -8.40
N GLU B 150 13.99 15.67 -9.38
CA GLU B 150 14.10 16.07 -10.82
C GLU B 150 14.10 17.59 -10.99
N ASN B 151 13.07 18.26 -10.46
CA ASN B 151 13.03 19.72 -10.33
C ASN B 151 12.96 20.06 -8.83
N GLY B 152 14.13 20.32 -8.23
CA GLY B 152 14.27 20.47 -6.77
C GLY B 152 13.65 21.74 -6.25
N ASP B 153 12.31 21.78 -6.25
CA ASP B 153 11.55 23.02 -6.15
C ASP B 153 10.93 23.28 -4.76
N ARG B 154 11.80 23.35 -3.75
CA ARG B 154 11.44 23.96 -2.45
C ARG B 154 10.20 23.35 -1.80
N VAL B 155 10.38 22.40 -0.87
CA VAL B 155 9.24 21.77 -0.16
C VAL B 155 9.19 22.16 1.32
N VAL B 156 7.98 22.32 1.84
CA VAL B 156 7.73 22.84 3.19
C VAL B 156 6.65 22.00 3.87
N LEU B 157 6.95 21.48 5.07
CA LEU B 157 6.04 20.57 5.78
C LEU B 157 5.71 20.98 7.20
N PHE B 158 4.48 20.67 7.58
CA PHE B 158 3.96 20.97 8.89
C PHE B 158 3.84 19.69 9.69
N SER B 159 3.75 19.88 11.01
CA SER B 159 3.42 18.82 11.96
C SER B 159 2.36 19.40 12.90
N GLN B 160 1.72 18.50 13.65
CA GLN B 160 0.92 18.90 14.81
C GLN B 160 1.80 18.81 16.06
N PHE B 161 2.36 17.62 16.26
CA PHE B 161 3.15 17.29 17.44
C PHE B 161 4.60 17.71 17.26
N THR B 162 5.21 18.01 18.40
CA THR B 162 6.57 18.51 18.45
C THR B 162 7.61 17.44 18.06
N GLN B 163 7.29 16.18 18.37
CA GLN B 163 8.17 15.01 18.09
C GLN B 163 8.27 14.68 16.60
N VAL B 164 7.16 14.87 15.89
CA VAL B 164 7.12 14.66 14.44
C VAL B 164 8.19 15.58 13.80
N LEU B 165 8.10 16.89 14.08
CA LEU B 165 9.12 17.85 13.63
C LEU B 165 10.56 17.37 13.94
N ASP B 166 10.75 16.77 15.11
CA ASP B 166 12.05 16.21 15.50
C ASP B 166 12.53 15.12 14.50
N ILE B 167 11.74 14.06 14.37
CA ILE B 167 12.06 12.98 13.43
C ILE B 167 12.50 13.59 12.12
N LEU B 168 11.70 14.50 11.61
CA LEU B 168 11.94 15.11 10.29
C LEU B 168 13.21 15.98 10.19
N GLN B 169 14.06 15.96 11.22
CA GLN B 169 15.41 16.46 11.13
C GLN B 169 16.38 15.30 10.77
N LEU B 170 15.93 14.05 10.95
CA LEU B 170 16.77 12.84 10.88
C LEU B 170 16.49 11.90 9.69
N VAL B 171 15.27 11.92 9.15
CA VAL B 171 14.96 11.20 7.90
C VAL B 171 15.55 11.85 6.64
N MET B 172 15.77 13.16 6.70
CA MET B 172 16.33 13.90 5.56
C MET B 172 17.72 14.42 5.95
N LYS B 173 18.57 13.48 6.33
CA LYS B 173 19.97 13.74 6.63
C LYS B 173 20.82 12.52 6.24
N SER B 174 20.37 11.80 5.20
CA SER B 174 20.90 10.48 4.83
C SER B 174 22.19 10.55 3.95
N LEU B 175 22.13 10.15 2.67
CA LEU B 175 23.28 10.28 1.76
C LEU B 175 23.48 11.72 1.21
N ASN B 176 22.47 12.24 0.49
CA ASN B 176 22.54 13.58 -0.13
C ASN B 176 21.30 14.44 0.21
N LEU B 177 21.01 14.56 1.51
CA LEU B 177 19.82 15.28 2.01
C LEU B 177 20.16 16.30 3.12
N LYS B 178 19.19 17.18 3.41
CA LYS B 178 19.37 18.27 4.38
C LYS B 178 18.01 18.72 4.90
N PHE B 179 18.03 19.44 6.02
CA PHE B 179 16.82 20.05 6.61
C PHE B 179 17.09 21.52 6.93
N LEU B 180 16.07 22.20 7.48
CA LEU B 180 16.20 23.56 8.02
C LEU B 180 15.64 23.59 9.45
N ARG B 181 16.42 24.23 10.34
CA ARG B 181 16.13 24.26 11.78
C ARG B 181 15.15 25.39 12.17
N PHE B 182 13.91 25.00 12.41
CA PHE B 182 12.88 25.92 12.89
C PHE B 182 11.97 25.12 13.80
N ASP B 183 11.20 25.82 14.63
CA ASP B 183 10.24 25.16 15.54
C ASP B 183 8.97 26.01 15.68
N GLY B 184 7.97 25.40 16.33
CA GLY B 184 6.65 26.00 16.55
C GLY B 184 6.44 26.90 17.78
N SER B 185 7.51 27.23 18.51
CA SER B 185 7.43 28.23 19.59
C SER B 185 7.78 29.62 19.04
N THR B 186 6.92 30.11 18.16
CA THR B 186 7.09 31.39 17.44
C THR B 186 5.88 32.32 17.66
N GLN B 187 4.68 31.82 17.32
CA GLN B 187 3.40 32.54 17.53
C GLN B 187 3.31 33.84 16.73
N ILE B 195 13.06 33.17 8.90
CA ILE B 195 12.19 33.18 7.72
C ILE B 195 13.01 33.66 6.52
N ASP B 196 13.61 34.84 6.67
CA ASP B 196 14.52 35.39 5.68
C ASP B 196 15.89 34.69 5.78
N GLN B 197 16.01 33.56 5.09
CA GLN B 197 17.22 32.71 5.17
C GLN B 197 17.61 32.10 3.81
N PHE B 198 18.70 31.32 3.79
CA PHE B 198 19.30 30.76 2.55
C PHE B 198 18.29 29.96 1.72
N TYR B 199 17.61 30.63 0.78
CA TYR B 199 16.45 30.05 0.07
C TYR B 199 16.79 29.25 -1.20
N ALA B 200 18.04 29.31 -1.65
CA ALA B 200 18.48 28.54 -2.81
C ALA B 200 20.00 28.34 -2.81
N ASP B 201 20.43 27.19 -2.28
CA ASP B 201 21.84 26.82 -2.24
C ASP B 201 22.11 25.45 -2.93
N GLU B 202 21.09 24.88 -3.59
CA GLU B 202 21.16 23.55 -4.24
C GLU B 202 21.40 22.32 -3.32
N SER B 203 21.53 22.55 -2.02
CA SER B 203 21.56 21.48 -1.00
C SER B 203 20.53 21.69 0.15
N ILE B 204 20.30 22.94 0.57
CA ILE B 204 19.44 23.27 1.71
C ILE B 204 17.99 23.50 1.21
N ASN B 205 17.13 22.48 1.41
CA ASN B 205 15.84 22.37 0.70
C ASN B 205 14.56 22.48 1.56
N VAL B 206 14.48 21.73 2.67
CA VAL B 206 13.19 21.50 3.35
C VAL B 206 12.94 22.36 4.60
N PHE B 207 11.82 23.09 4.60
CA PHE B 207 11.39 23.87 5.77
C PHE B 207 10.46 23.03 6.67
N LEU B 208 10.84 22.92 7.94
CA LEU B 208 9.97 22.32 8.96
C LEU B 208 9.23 23.43 9.66
N LEU B 209 7.90 23.28 9.79
CA LEU B 209 7.02 24.25 10.46
C LEU B 209 6.24 23.57 11.57
N SER B 210 5.24 24.24 12.11
CA SER B 210 4.32 23.63 13.08
C SER B 210 2.95 24.35 13.13
N THR B 211 1.93 23.65 13.61
CA THR B 211 0.60 24.25 13.87
C THR B 211 0.62 25.28 15.00
N LYS B 212 1.58 25.12 15.93
CA LYS B 212 1.80 26.08 17.02
C LYS B 212 2.40 27.41 16.50
N ALA B 213 3.03 27.38 15.32
CA ALA B 213 3.33 28.60 14.56
C ALA B 213 2.01 29.19 14.06
N GLY B 214 1.82 30.50 14.28
CA GLY B 214 0.53 31.20 14.11
C GLY B 214 -0.37 30.83 12.93
N GLY B 215 0.25 30.69 11.75
CA GLY B 215 -0.45 30.28 10.53
C GLY B 215 -0.62 31.38 9.49
N PHE B 216 -0.37 32.63 9.88
CA PHE B 216 -0.40 33.76 8.94
C PHE B 216 1.01 34.19 8.56
N GLY B 217 1.86 34.37 9.57
CA GLY B 217 3.23 34.87 9.38
C GLY B 217 4.31 33.85 9.00
N ILE B 218 3.91 32.76 8.34
CA ILE B 218 4.86 31.78 7.78
C ILE B 218 4.80 31.89 6.25
N ASN B 219 5.26 33.06 5.78
CA ASN B 219 5.25 33.43 4.35
C ASN B 219 6.55 32.96 3.67
N LEU B 220 6.88 33.51 2.51
CA LEU B 220 7.99 33.06 1.66
C LEU B 220 7.70 31.63 1.22
N ALA B 221 6.89 31.51 0.16
CA ALA B 221 6.56 30.23 -0.45
C ALA B 221 6.69 30.27 -1.98
N CYS B 222 7.94 30.28 -2.45
CA CYS B 222 8.28 29.86 -3.83
C CYS B 222 8.25 28.31 -3.94
N ALA B 223 7.51 27.66 -3.04
CA ALA B 223 7.06 26.30 -3.19
C ALA B 223 5.71 26.30 -3.91
N ASN B 224 5.61 25.42 -4.91
CA ASN B 224 4.31 25.04 -5.48
C ASN B 224 3.76 23.75 -4.83
N MET B 225 4.49 23.22 -3.82
CA MET B 225 4.08 22.07 -3.02
C MET B 225 4.05 22.43 -1.54
N VAL B 226 3.21 21.72 -0.81
CA VAL B 226 3.17 21.84 0.65
C VAL B 226 2.70 20.50 1.25
N ILE B 227 3.55 19.91 2.09
CA ILE B 227 3.21 18.68 2.78
C ILE B 227 2.57 19.03 4.13
N LEU B 228 1.26 19.25 4.11
CA LEU B 228 0.47 19.26 5.33
C LEU B 228 0.00 17.80 5.50
N TYR B 229 0.41 17.13 6.58
CA TYR B 229 -0.03 15.73 6.80
C TYR B 229 -0.48 15.41 8.24
N ASP B 230 -1.33 16.30 8.73
CA ASP B 230 -1.93 16.22 10.05
C ASP B 230 -3.33 16.85 9.89
N VAL B 231 -4.34 16.01 9.71
CA VAL B 231 -5.73 16.47 9.46
C VAL B 231 -6.43 16.87 10.77
N SER B 232 -6.71 18.17 10.93
CA SER B 232 -7.08 18.73 12.25
C SER B 232 -8.32 18.12 12.92
N PHE B 233 -8.37 18.27 14.26
CA PHE B 233 -9.51 17.79 15.07
C PHE B 233 -10.76 18.63 14.79
N ASN B 234 -10.62 19.95 14.85
CA ASN B 234 -11.68 20.87 14.44
C ASN B 234 -11.34 21.56 13.10
N PRO B 235 -12.37 22.03 12.37
CA PRO B 235 -12.16 22.77 11.12
C PRO B 235 -11.91 24.29 11.26
N PHE B 236 -11.68 24.80 12.48
CA PHE B 236 -11.46 26.23 12.67
C PHE B 236 -10.05 26.71 12.32
N ASP B 237 -9.08 25.80 12.20
CA ASP B 237 -7.68 26.17 11.90
C ASP B 237 -7.12 25.73 10.54
N ASP B 238 -7.75 24.76 9.87
CA ASP B 238 -7.23 24.21 8.60
C ASP B 238 -7.40 25.17 7.41
N LEU B 239 -8.48 25.98 7.40
CA LEU B 239 -8.75 26.92 6.30
C LEU B 239 -7.66 27.99 6.24
N GLN B 240 -7.41 28.63 7.38
CA GLN B 240 -6.38 29.67 7.50
C GLN B 240 -4.94 29.14 7.50
N ALA B 241 -4.77 27.82 7.58
CA ALA B 241 -3.44 27.17 7.49
C ALA B 241 -3.23 26.36 6.19
N GLU B 242 -4.04 26.62 5.16
CA GLU B 242 -3.81 26.05 3.83
C GLU B 242 -3.53 27.09 2.73
N ASP B 243 -3.79 28.37 3.01
CA ASP B 243 -3.93 29.40 1.95
C ASP B 243 -2.66 30.25 1.76
N ARG B 244 -1.58 29.58 1.36
CA ARG B 244 -0.30 30.22 1.04
C ARG B 244 0.06 30.01 -0.43
N ALA B 245 0.15 28.75 -0.85
CA ALA B 245 0.59 28.37 -2.22
C ALA B 245 -0.23 28.96 -3.37
N HIS B 246 -1.47 29.37 -3.12
CA HIS B 246 -2.25 30.12 -4.10
C HIS B 246 -2.02 31.63 -3.96
N ARG B 247 -1.47 32.22 -5.01
CA ARG B 247 -1.25 33.67 -5.14
C ARG B 247 -1.06 33.93 -6.64
N VAL B 248 -0.91 35.20 -7.02
CA VAL B 248 -0.58 35.59 -8.41
C VAL B 248 0.88 36.04 -8.47
N GLY B 249 1.57 35.65 -9.54
CA GLY B 249 3.03 35.63 -9.61
C GLY B 249 3.61 34.23 -9.76
N GLN B 250 2.74 33.21 -9.65
CA GLN B 250 3.11 31.80 -9.88
C GLN B 250 3.20 31.53 -11.38
N LYS B 251 4.42 31.28 -11.88
CA LYS B 251 4.66 31.02 -13.33
C LYS B 251 4.58 29.53 -13.76
N LYS B 252 4.19 28.66 -12.81
CA LYS B 252 3.81 27.27 -13.11
C LYS B 252 2.64 26.85 -12.20
N GLU B 253 2.15 25.62 -12.35
CA GLU B 253 1.00 25.10 -11.58
C GLU B 253 1.38 24.80 -10.10
N VAL B 254 0.39 24.87 -9.20
CA VAL B 254 0.59 24.64 -7.77
C VAL B 254 -0.24 23.44 -7.27
N THR B 255 0.19 22.85 -6.16
CA THR B 255 -0.43 21.63 -5.60
C THR B 255 -0.34 21.55 -4.08
N VAL B 256 -1.47 21.85 -3.44
CA VAL B 256 -1.60 21.76 -1.97
C VAL B 256 -2.00 20.32 -1.63
N TYR B 257 -1.10 19.62 -0.94
CA TYR B 257 -1.30 18.20 -0.59
C TYR B 257 -2.09 17.99 0.72
N LYS B 258 -2.42 16.73 0.99
CA LYS B 258 -2.96 16.32 2.27
C LYS B 258 -2.75 14.81 2.34
N PHE B 259 -2.03 14.31 3.35
CA PHE B 259 -1.96 12.86 3.59
C PHE B 259 -3.07 12.37 4.54
N VAL B 260 -3.52 11.15 4.27
CA VAL B 260 -4.22 10.28 5.23
C VAL B 260 -3.80 8.83 4.95
N VAL B 261 -3.77 8.01 6.00
CA VAL B 261 -3.56 6.55 5.82
C VAL B 261 -4.93 5.89 5.70
N LYS B 262 -4.91 4.62 5.31
CA LYS B 262 -6.15 3.92 5.03
C LYS B 262 -6.71 3.37 6.33
N ASP B 263 -8.01 3.13 6.30
CA ASP B 263 -8.72 2.47 7.38
C ASP B 263 -8.17 2.89 8.75
N THR B 264 -8.03 4.20 8.91
CA THR B 264 -7.53 4.78 10.15
C THR B 264 -8.36 5.95 10.63
N ILE B 265 -8.08 6.40 11.84
CA ILE B 265 -8.82 7.50 12.49
C ILE B 265 -8.65 8.81 11.72
N GLU B 266 -7.49 8.92 11.08
CA GLU B 266 -7.20 10.03 10.17
C GLU B 266 -8.06 10.00 8.88
N GLU B 267 -8.54 8.82 8.48
CA GLU B 267 -9.52 8.69 7.38
C GLU B 267 -10.91 9.21 7.77
N HIS B 268 -11.21 9.16 9.07
CA HIS B 268 -12.50 9.59 9.63
C HIS B 268 -12.74 11.14 9.66
N ILE B 269 -11.66 11.92 9.45
CA ILE B 269 -11.68 13.41 9.41
C ILE B 269 -12.32 13.99 8.10
N GLN B 270 -12.35 13.14 7.07
CA GLN B 270 -13.29 13.28 5.98
C GLN B 270 -14.39 12.38 6.52
N ARG B 271 -15.49 13.00 6.92
CA ARG B 271 -16.44 12.32 7.80
C ARG B 271 -17.32 11.27 7.05
N LEU B 272 -18.33 10.71 7.75
CA LEU B 272 -19.42 9.93 7.12
C LEU B 272 -20.14 10.73 6.02
N ALA B 273 -20.05 10.24 4.78
CA ALA B 273 -20.73 10.86 3.63
C ALA B 273 -22.23 10.75 3.81
N ASN B 274 -22.83 11.87 4.24
CA ASN B 274 -24.26 11.96 4.53
C ASN B 274 -24.69 13.45 4.60
N ALA B 275 -25.09 14.01 3.46
CA ALA B 275 -25.53 15.40 3.36
C ALA B 275 -26.83 15.49 2.56
N LYS B 276 -27.94 15.73 3.28
CA LYS B 276 -29.29 15.68 2.71
C LYS B 276 -29.75 17.01 2.09
N ILE B 277 -30.74 16.90 1.21
CA ILE B 277 -31.18 17.99 0.33
C ILE B 277 -31.83 19.10 1.18
N ALA B 278 -31.65 20.35 0.75
CA ALA B 278 -32.23 21.52 1.44
C ALA B 278 -33.76 21.52 1.42
#